data_6ULP
#
_entry.id   6ULP
#
_cell.length_a   97.568
_cell.length_b   97.568
_cell.length_c   77.748
_cell.angle_alpha   90.000
_cell.angle_beta   90.000
_cell.angle_gamma   90.000
#
_symmetry.space_group_name_H-M   'I 4'
#
loop_
_entity.id
_entity.type
_entity.pdbx_description
1 polymer 'Bromodomain-containing protein 3'
2 polymer 'Cyclic peptide 3.2_3'
#
loop_
_entity_poly.entity_id
_entity_poly.type
_entity_poly.pdbx_seq_one_letter_code
_entity_poly.pdbx_strand_id
1 'polypeptide(L)'
;QGPLGSKLSEHLRYCDSILREMLSKKHAAYAWPFYKPVDAEALELHDYHDIIKHPMDLSTVKRKMDGREYPDAQGFAADV
RLMFSNCYKYNPPDHEVVAMARKLQDVFEMRFAKMPDEP
;
A,B
2 'polypeptide(L)' (ACE)W(ALY)QWK(ALY)YGLKIC(NH2) C
#
loop_
_chem_comp.id
_chem_comp.type
_chem_comp.name
_chem_comp.formula
ACE non-polymer 'ACETYL GROUP' 'C2 H4 O'
NH2 non-polymer 'AMINO GROUP' 'H2 N'
#
# COMPACT_ATOMS: atom_id res chain seq x y z
N LYS A 7 34.02 -8.38 13.41
CA LYS A 7 33.26 -7.23 13.90
C LYS A 7 31.92 -7.68 14.47
N LEU A 8 31.34 -8.71 13.87
CA LEU A 8 30.10 -9.30 14.33
C LEU A 8 30.37 -10.66 14.97
N SER A 9 29.76 -10.91 16.12
CA SER A 9 29.89 -12.20 16.78
C SER A 9 29.25 -13.31 15.94
N GLU A 10 29.55 -14.55 16.32
CA GLU A 10 29.01 -15.68 15.56
C GLU A 10 27.50 -15.74 15.67
N HIS A 11 26.95 -15.44 16.85
CA HIS A 11 25.49 -15.41 17.01
C HIS A 11 24.89 -14.32 16.15
N LEU A 12 25.44 -13.11 16.22
CA LEU A 12 24.90 -11.99 15.46
C LEU A 12 25.16 -12.11 13.96
N ARG A 13 26.17 -12.89 13.55
CA ARG A 13 26.30 -13.22 12.13
C ARG A 13 25.07 -13.95 11.64
N TYR A 14 24.63 -14.97 12.39
CA TYR A 14 23.44 -15.71 12.03
C TYR A 14 22.21 -14.81 12.08
N CYS A 15 22.19 -13.84 13.00
CA CYS A 15 21.08 -12.90 13.08
C CYS A 15 20.98 -12.06 11.82
N ASP A 16 22.12 -11.51 11.35
CA ASP A 16 22.11 -10.72 10.13
C ASP A 16 21.67 -11.56 8.94
N SER A 17 22.06 -12.83 8.90
CA SER A 17 21.59 -13.72 7.83
C SER A 17 20.09 -13.96 7.94
N ILE A 18 19.57 -14.02 9.16
CA ILE A 18 18.12 -14.13 9.35
C ILE A 18 17.43 -12.87 8.89
N LEU A 19 17.96 -11.70 9.28
CA LEU A 19 17.42 -10.44 8.83
C LEU A 19 17.43 -10.33 7.31
N ARG A 20 18.47 -10.89 6.67
CA ARG A 20 18.57 -10.84 5.22
C ARG A 20 17.46 -11.64 4.54
N GLU A 21 17.18 -12.84 5.06
CA GLU A 21 16.13 -13.66 4.44
C GLU A 21 14.76 -13.03 4.58
N MET A 22 14.46 -12.41 5.73
CA MET A 22 13.16 -11.77 5.92
C MET A 22 12.95 -10.61 4.95
N LEU A 23 14.02 -10.02 4.43
CA LEU A 23 13.92 -8.90 3.49
C LEU A 23 14.12 -9.31 2.04
N SER A 24 14.22 -10.61 1.76
CA SER A 24 14.49 -11.06 0.42
C SER A 24 13.21 -11.09 -0.41
N LYS A 25 13.37 -11.30 -1.72
CA LYS A 25 12.22 -11.49 -2.60
C LYS A 25 11.36 -12.66 -2.17
N LYS A 26 11.93 -13.63 -1.45
CA LYS A 26 11.23 -14.86 -1.12
C LYS A 26 9.94 -14.59 -0.35
N HIS A 27 10.03 -13.77 0.71
CA HIS A 27 8.90 -13.52 1.60
C HIS A 27 8.23 -12.18 1.33
N ALA A 28 8.48 -11.58 0.17
CA ALA A 28 7.98 -10.23 -0.11
C ALA A 28 6.46 -10.16 -0.14
N ALA A 29 5.78 -11.29 -0.35
CA ALA A 29 4.32 -11.26 -0.45
C ALA A 29 3.67 -10.86 0.86
N TYR A 30 4.30 -11.17 2.00
CA TYR A 30 3.75 -10.86 3.31
C TYR A 30 4.68 -10.05 4.20
N ALA A 31 5.92 -9.79 3.78
CA ALA A 31 6.86 -9.00 4.56
C ALA A 31 6.76 -7.50 4.28
N TRP A 32 6.07 -7.12 3.21
CA TRP A 32 6.04 -5.71 2.81
C TRP A 32 5.44 -4.76 3.84
N PRO A 33 4.47 -5.13 4.68
CA PRO A 33 3.99 -4.15 5.68
C PRO A 33 5.06 -3.73 6.66
N PHE A 34 6.09 -4.56 6.85
CA PHE A 34 7.13 -4.32 7.83
C PHE A 34 8.45 -3.89 7.21
N TYR A 35 8.44 -3.48 5.94
CA TYR A 35 9.69 -3.08 5.30
C TYR A 35 10.18 -1.73 5.83
N LYS A 36 9.32 -0.73 5.88
CA LYS A 36 9.66 0.61 6.33
C LYS A 36 8.91 0.94 7.60
N PRO A 37 9.37 1.93 8.36
CA PRO A 37 8.62 2.34 9.56
C PRO A 37 7.25 2.88 9.18
N VAL A 38 6.29 2.71 10.08
CA VAL A 38 4.93 3.12 9.81
C VAL A 38 4.88 4.65 9.74
N ASP A 39 4.58 5.18 8.56
CA ASP A 39 4.41 6.61 8.35
C ASP A 39 2.93 6.89 8.59
N ALA A 40 2.61 7.40 9.78
CA ALA A 40 1.22 7.59 10.16
C ALA A 40 0.48 8.54 9.22
N GLU A 41 1.18 9.52 8.65
CA GLU A 41 0.52 10.46 7.75
C GLU A 41 0.44 9.91 6.33
N ALA A 42 1.49 9.24 5.85
CA ALA A 42 1.50 8.73 4.47
C ALA A 42 0.49 7.61 4.25
N LEU A 43 0.10 6.88 5.30
CA LEU A 43 -0.89 5.82 5.18
C LEU A 43 -2.23 6.21 5.76
N GLU A 44 -2.37 7.44 6.26
CA GLU A 44 -3.61 7.95 6.84
C GLU A 44 -4.07 7.10 8.02
N LEU A 45 -3.12 6.69 8.86
CA LEU A 45 -3.40 6.02 10.12
C LEU A 45 -3.00 7.00 11.23
N HIS A 46 -3.92 7.90 11.56
CA HIS A 46 -3.64 8.99 12.48
C HIS A 46 -3.54 8.55 13.93
N ASP A 47 -3.90 7.32 14.25
CA ASP A 47 -3.93 6.84 15.63
C ASP A 47 -2.81 5.85 15.95
N TYR A 48 -1.91 5.57 15.01
CA TYR A 48 -0.89 4.56 15.24
C TYR A 48 0.02 4.92 16.40
N HIS A 49 0.38 6.20 16.52
CA HIS A 49 1.27 6.63 17.59
C HIS A 49 0.55 6.95 18.89
N ASP A 50 -0.78 6.97 18.88
CA ASP A 50 -1.55 7.08 20.12
C ASP A 50 -1.72 5.73 20.81
N ILE A 51 -1.44 4.63 20.12
CA ILE A 51 -1.54 3.29 20.68
C ILE A 51 -0.19 2.59 20.68
N ILE A 52 0.60 2.78 19.63
CA ILE A 52 1.93 2.19 19.52
C ILE A 52 2.93 3.28 19.88
N LYS A 53 3.46 3.22 21.09
CA LYS A 53 4.40 4.23 21.59
C LYS A 53 5.85 3.86 21.36
N HIS A 54 6.15 2.63 20.95
CA HIS A 54 7.50 2.20 20.60
C HIS A 54 7.45 1.54 19.23
N PRO A 55 7.42 2.36 18.16
CA PRO A 55 7.38 1.78 16.81
C PRO A 55 8.66 1.06 16.46
N MET A 56 8.53 0.05 15.60
CA MET A 56 9.67 -0.73 15.16
C MET A 56 9.33 -1.38 13.82
N ASP A 57 10.31 -1.43 12.92
CA ASP A 57 10.14 -2.08 11.63
C ASP A 57 11.49 -2.54 11.13
N LEU A 58 11.46 -3.43 10.13
CA LEU A 58 12.69 -4.06 9.64
C LEU A 58 13.71 -3.04 9.15
N SER A 59 13.25 -1.91 8.61
CA SER A 59 14.17 -0.84 8.24
C SER A 59 14.94 -0.34 9.46
N THR A 60 14.24 -0.08 10.55
CA THR A 60 14.88 0.36 11.78
C THR A 60 15.80 -0.72 12.34
N VAL A 61 15.41 -1.99 12.20
CA VAL A 61 16.19 -3.08 12.78
C VAL A 61 17.52 -3.25 12.05
N LYS A 62 17.51 -3.15 10.71
CA LYS A 62 18.76 -3.29 9.98
C LYS A 62 19.70 -2.12 10.25
N ARG A 63 19.15 -0.92 10.42
CA ARG A 63 19.98 0.24 10.74
C ARG A 63 20.68 0.04 12.08
N LYS A 64 19.97 -0.50 13.07
CA LYS A 64 20.59 -0.75 14.37
C LYS A 64 21.62 -1.89 14.29
N MET A 65 21.39 -2.86 13.41
CA MET A 65 22.34 -3.95 13.25
C MET A 65 23.63 -3.47 12.59
N ASP A 66 23.50 -2.71 11.50
CA ASP A 66 24.70 -2.18 10.84
C ASP A 66 25.40 -1.14 11.71
N GLY A 67 24.66 -0.44 12.56
CA GLY A 67 25.27 0.44 13.53
C GLY A 67 25.89 -0.26 14.71
N ARG A 68 25.91 -1.59 14.70
CA ARG A 68 26.49 -2.40 15.77
C ARG A 68 25.90 -2.06 17.13
N GLU A 69 24.62 -1.73 17.15
CA GLU A 69 23.94 -1.33 18.38
C GLU A 69 23.33 -2.50 19.13
N TYR A 70 23.33 -3.69 18.54
CA TYR A 70 22.80 -4.87 19.21
C TYR A 70 23.93 -5.59 19.95
N PRO A 71 23.86 -5.69 21.28
CA PRO A 71 24.94 -6.38 22.02
C PRO A 71 24.90 -7.89 21.84
N ASP A 72 23.72 -8.48 22.00
CA ASP A 72 23.53 -9.92 21.90
C ASP A 72 22.35 -10.22 21.00
N ALA A 73 22.15 -11.50 20.72
CA ALA A 73 21.00 -11.92 19.93
C ALA A 73 19.68 -11.65 20.63
N GLN A 74 19.69 -11.57 21.97
CA GLN A 74 18.46 -11.32 22.71
C GLN A 74 17.90 -9.94 22.39
N GLY A 75 18.76 -8.92 22.37
CA GLY A 75 18.31 -7.59 22.01
C GLY A 75 17.79 -7.50 20.59
N PHE A 76 18.34 -8.31 19.69
CA PHE A 76 17.84 -8.34 18.31
C PHE A 76 16.46 -8.98 18.26
N ALA A 77 16.28 -10.09 18.97
CA ALA A 77 14.97 -10.75 19.00
C ALA A 77 13.93 -9.86 19.66
N ALA A 78 14.34 -8.98 20.57
CA ALA A 78 13.39 -8.10 21.23
C ALA A 78 12.74 -7.13 20.25
N ASP A 79 13.53 -6.54 19.34
CA ASP A 79 12.99 -5.55 18.43
C ASP A 79 12.10 -6.17 17.37
N VAL A 80 12.46 -7.35 16.86
CA VAL A 80 11.62 -7.99 15.86
C VAL A 80 10.31 -8.46 16.48
N ARG A 81 10.36 -8.97 17.72
CA ARG A 81 9.13 -9.37 18.39
C ARG A 81 8.30 -8.15 18.79
N LEU A 82 8.96 -7.05 19.15
CA LEU A 82 8.24 -5.79 19.37
C LEU A 82 7.53 -5.35 18.10
N MET A 83 8.18 -5.53 16.95
CA MET A 83 7.58 -5.17 15.67
C MET A 83 6.28 -5.93 15.43
N PHE A 84 6.30 -7.24 15.65
CA PHE A 84 5.09 -8.05 15.48
C PHE A 84 4.05 -7.71 16.53
N SER A 85 4.49 -7.43 17.76
CA SER A 85 3.55 -7.06 18.82
C SER A 85 2.85 -5.76 18.50
N ASN A 86 3.55 -4.80 17.89
CA ASN A 86 2.92 -3.57 17.46
C ASN A 86 1.84 -3.86 16.41
N CYS A 87 2.12 -4.78 15.48
CA CYS A 87 1.14 -5.13 14.46
C CYS A 87 -0.08 -5.80 15.08
N TYR A 88 0.14 -6.71 16.03
CA TYR A 88 -0.97 -7.41 16.67
C TYR A 88 -1.76 -6.50 17.59
N LYS A 89 -1.11 -5.52 18.21
CA LYS A 89 -1.78 -4.67 19.19
C LYS A 89 -2.69 -3.65 18.52
N TYR A 90 -2.35 -3.21 17.31
CA TYR A 90 -3.06 -2.14 16.62
C TYR A 90 -4.12 -2.66 15.65
N ASN A 91 -3.76 -3.62 14.79
CA ASN A 91 -4.68 -4.10 13.77
C ASN A 91 -5.72 -5.06 14.35
N PRO A 92 -6.89 -5.17 13.74
CA PRO A 92 -7.87 -6.15 14.19
C PRO A 92 -7.34 -7.56 13.96
N PRO A 93 -7.81 -8.54 14.74
CA PRO A 93 -7.25 -9.89 14.61
C PRO A 93 -7.51 -10.54 13.26
N ASP A 94 -8.59 -10.16 12.58
CA ASP A 94 -8.97 -10.78 11.31
C ASP A 94 -8.34 -10.11 10.10
N HIS A 95 -7.48 -9.11 10.29
CA HIS A 95 -6.87 -8.43 9.16
C HIS A 95 -5.86 -9.33 8.47
N GLU A 96 -5.76 -9.18 7.14
CA GLU A 96 -4.83 -9.99 6.37
C GLU A 96 -3.38 -9.65 6.67
N VAL A 97 -3.11 -8.41 7.07
CA VAL A 97 -1.75 -8.04 7.47
C VAL A 97 -1.36 -8.78 8.75
N VAL A 98 -2.32 -9.04 9.64
CA VAL A 98 -2.04 -9.82 10.83
C VAL A 98 -1.65 -11.25 10.44
N ALA A 99 -2.36 -11.81 9.45
CA ALA A 99 -1.95 -13.11 8.91
C ALA A 99 -0.58 -13.01 8.26
N MET A 100 -0.24 -11.84 7.71
CA MET A 100 1.09 -11.64 7.14
C MET A 100 2.13 -11.53 8.24
N ALA A 101 1.79 -10.86 9.35
CA ALA A 101 2.69 -10.82 10.50
C ALA A 101 2.90 -12.22 11.06
N ARG A 102 1.83 -12.99 11.17
CA ARG A 102 1.93 -14.38 11.64
C ARG A 102 2.80 -15.21 10.71
N LYS A 103 2.54 -15.12 9.40
CA LYS A 103 3.32 -15.88 8.43
C LYS A 103 4.79 -15.46 8.44
N LEU A 104 5.06 -14.17 8.68
CA LEU A 104 6.45 -13.72 8.72
C LEU A 104 7.11 -14.09 10.04
N GLN A 105 6.40 -13.97 11.16
CA GLN A 105 6.96 -14.35 12.45
C GLN A 105 7.22 -15.85 12.51
N ASP A 106 6.33 -16.66 11.94
CA ASP A 106 6.56 -18.09 11.87
C ASP A 106 7.85 -18.40 11.12
N VAL A 107 8.20 -17.58 10.13
CA VAL A 107 9.48 -17.72 9.46
C VAL A 107 10.62 -17.33 10.40
N PHE A 108 10.46 -16.23 11.15
CA PHE A 108 11.52 -15.78 12.04
C PHE A 108 11.78 -16.78 13.16
N GLU A 109 10.71 -17.19 13.87
CA GLU A 109 10.88 -18.09 15.00
C GLU A 109 11.55 -19.40 14.60
N MET A 110 11.35 -19.85 13.36
CA MET A 110 11.94 -21.10 12.90
C MET A 110 13.46 -21.00 12.85
N ARG A 111 13.98 -20.04 12.07
CA ARG A 111 15.42 -19.93 11.92
C ARG A 111 16.10 -19.43 13.18
N PHE A 112 15.39 -18.63 13.99
CA PHE A 112 15.99 -18.14 15.23
C PHE A 112 16.19 -19.26 16.24
N ALA A 113 15.27 -20.23 16.26
CA ALA A 113 15.37 -21.33 17.20
C ALA A 113 16.55 -22.25 16.92
N LYS A 114 17.13 -22.18 15.72
CA LYS A 114 18.18 -23.11 15.30
C LYS A 114 19.52 -22.40 15.28
N MET A 115 20.00 -22.04 16.48
CA MET A 115 21.26 -21.33 16.66
C MET A 115 22.00 -21.86 17.89
N PRO A 116 23.32 -22.07 17.78
CA PRO A 116 24.18 -22.37 18.93
C PRO A 116 25.15 -21.22 19.24
N LEU B 8 -23.60 23.38 -10.90
CA LEU B 8 -23.57 22.19 -11.76
C LEU B 8 -24.95 21.82 -12.27
N SER B 9 -25.01 21.45 -13.55
CA SER B 9 -26.27 21.01 -14.14
C SER B 9 -26.75 19.72 -13.49
N GLU B 10 -27.99 19.35 -13.79
CA GLU B 10 -28.59 18.17 -13.19
C GLU B 10 -27.86 16.89 -13.58
N HIS B 11 -27.32 16.82 -14.81
CA HIS B 11 -26.58 15.65 -15.24
C HIS B 11 -25.33 15.43 -14.38
N LEU B 12 -24.53 16.50 -14.20
CA LEU B 12 -23.29 16.36 -13.43
C LEU B 12 -23.55 16.15 -11.95
N ARG B 13 -24.75 16.53 -11.46
CA ARG B 13 -25.14 16.16 -10.10
C ARG B 13 -25.10 14.65 -9.92
N TYR B 14 -25.67 13.92 -10.89
CA TYR B 14 -25.61 12.47 -10.87
C TYR B 14 -24.17 11.98 -11.00
N CYS B 15 -23.33 12.70 -11.75
CA CYS B 15 -21.93 12.32 -11.88
C CYS B 15 -21.21 12.35 -10.55
N ASP B 16 -21.40 13.42 -9.77
CA ASP B 16 -20.77 13.50 -8.46
C ASP B 16 -21.24 12.38 -7.55
N SER B 17 -22.51 11.99 -7.68
CA SER B 17 -23.01 10.85 -6.91
C SER B 17 -22.30 9.56 -7.32
N ILE B 18 -21.96 9.42 -8.60
CA ILE B 18 -21.17 8.27 -9.04
C ILE B 18 -19.77 8.34 -8.48
N LEU B 19 -19.13 9.51 -8.58
CA LEU B 19 -17.82 9.71 -7.99
C LEU B 19 -17.86 9.47 -6.48
N ARG B 20 -18.95 9.87 -5.82
CA ARG B 20 -19.07 9.64 -4.40
C ARG B 20 -19.15 8.16 -4.09
N GLU B 21 -19.90 7.41 -4.90
CA GLU B 21 -19.97 5.96 -4.71
C GLU B 21 -18.61 5.31 -4.95
N MET B 22 -17.90 5.76 -5.98
CA MET B 22 -16.59 5.21 -6.27
C MET B 22 -15.59 5.46 -5.15
N LEU B 23 -15.82 6.49 -4.34
CA LEU B 23 -14.97 6.82 -3.21
C LEU B 23 -15.55 6.35 -1.88
N SER B 24 -16.62 5.57 -1.91
CA SER B 24 -17.33 5.19 -0.70
C SER B 24 -16.64 4.04 0.02
N LYS B 25 -17.11 3.78 1.24
CA LYS B 25 -16.63 2.66 2.03
C LYS B 25 -16.81 1.34 1.31
N LYS B 26 -17.83 1.25 0.47
CA LYS B 26 -18.22 -0.02 -0.15
C LYS B 26 -17.11 -0.58 -1.02
N HIS B 27 -16.53 0.25 -1.89
CA HIS B 27 -15.61 -0.21 -2.92
C HIS B 27 -14.14 0.03 -2.55
N ALA B 28 -13.85 0.29 -1.27
CA ALA B 28 -12.49 0.59 -0.87
C ALA B 28 -11.53 -0.58 -1.10
N ALA B 29 -12.05 -1.80 -1.20
CA ALA B 29 -11.19 -2.97 -1.34
C ALA B 29 -10.42 -2.97 -2.66
N TYR B 30 -10.99 -2.38 -3.71
CA TYR B 30 -10.36 -2.37 -5.01
C TYR B 30 -10.20 -0.98 -5.62
N ALA B 31 -10.77 0.05 -5.02
CA ALA B 31 -10.64 1.42 -5.54
C ALA B 31 -9.44 2.17 -4.96
N TRP B 32 -8.83 1.67 -3.89
CA TRP B 32 -7.81 2.47 -3.21
C TRP B 32 -6.58 2.78 -4.06
N PRO B 33 -6.13 1.97 -5.02
CA PRO B 33 -4.99 2.40 -5.84
C PRO B 33 -5.25 3.66 -6.65
N PHE B 34 -6.50 3.99 -6.92
CA PHE B 34 -6.86 5.12 -7.77
C PHE B 34 -7.33 6.32 -6.95
N TYR B 35 -7.07 6.31 -5.65
CA TYR B 35 -7.50 7.43 -4.80
C TYR B 35 -6.62 8.65 -5.04
N LYS B 36 -5.30 8.46 -5.02
CA LYS B 36 -4.32 9.51 -5.19
C LYS B 36 -3.52 9.33 -6.48
N PRO B 37 -2.87 10.39 -6.98
CA PRO B 37 -2.07 10.24 -8.20
C PRO B 37 -0.90 9.29 -8.02
N VAL B 38 -0.51 8.66 -9.12
CA VAL B 38 0.61 7.71 -9.12
C VAL B 38 1.90 8.47 -8.86
N ASP B 39 2.56 8.17 -7.74
CA ASP B 39 3.82 8.80 -7.39
C ASP B 39 4.95 7.99 -8.02
N ALA B 40 5.44 8.45 -9.17
CA ALA B 40 6.50 7.74 -9.88
C ALA B 40 7.79 7.71 -9.08
N GLU B 41 8.03 8.73 -8.25
CA GLU B 41 9.27 8.76 -7.47
C GLU B 41 9.16 7.88 -6.23
N ALA B 42 8.00 7.88 -5.57
CA ALA B 42 7.83 7.03 -4.40
C ALA B 42 7.85 5.56 -4.78
N LEU B 43 7.56 5.23 -6.04
CA LEU B 43 7.58 3.86 -6.52
C LEU B 43 8.78 3.57 -7.40
N GLU B 44 9.63 4.57 -7.67
CA GLU B 44 10.86 4.39 -8.45
C GLU B 44 10.57 3.81 -9.83
N LEU B 45 9.56 4.37 -10.49
CA LEU B 45 9.20 4.02 -11.85
C LEU B 45 9.57 5.19 -12.76
N HIS B 46 10.82 5.19 -13.25
CA HIS B 46 11.34 6.32 -14.01
C HIS B 46 10.71 6.45 -15.39
N ASP B 47 9.92 5.47 -15.82
CA ASP B 47 9.33 5.47 -17.15
C ASP B 47 7.83 5.73 -17.15
N TYR B 48 7.22 5.95 -15.98
CA TYR B 48 5.77 6.11 -15.93
C TYR B 48 5.33 7.34 -16.71
N HIS B 49 6.08 8.44 -16.60
CA HIS B 49 5.74 9.66 -17.31
C HIS B 49 6.30 9.72 -18.72
N ASP B 50 7.16 8.77 -19.09
CA ASP B 50 7.59 8.63 -20.48
C ASP B 50 6.59 7.83 -21.30
N ILE B 51 5.64 7.15 -20.64
CA ILE B 51 4.62 6.35 -21.30
C ILE B 51 3.22 6.90 -21.04
N ILE B 52 2.97 7.35 -19.81
CA ILE B 52 1.69 7.94 -19.42
C ILE B 52 1.88 9.46 -19.41
N LYS B 53 1.39 10.14 -20.44
CA LYS B 53 1.55 11.59 -20.54
C LYS B 53 0.38 12.34 -19.94
N HIS B 54 -0.73 11.67 -19.61
CA HIS B 54 -1.87 12.29 -18.96
C HIS B 54 -2.28 11.45 -17.76
N PRO B 55 -1.59 11.59 -16.63
CA PRO B 55 -1.98 10.84 -15.43
C PRO B 55 -3.33 11.34 -14.91
N MET B 56 -4.05 10.44 -14.26
CA MET B 56 -5.37 10.78 -13.75
C MET B 56 -5.71 9.86 -12.58
N ASP B 57 -6.43 10.42 -11.61
CA ASP B 57 -6.86 9.67 -10.44
C ASP B 57 -8.17 10.28 -9.95
N LEU B 58 -8.73 9.66 -8.90
CA LEU B 58 -10.03 10.13 -8.40
C LEU B 58 -9.91 11.45 -7.64
N SER B 59 -8.79 11.68 -6.95
CA SER B 59 -8.57 12.97 -6.31
C SER B 59 -8.55 14.09 -7.34
N THR B 60 -7.84 13.90 -8.45
CA THR B 60 -7.80 14.91 -9.50
C THR B 60 -9.19 15.14 -10.09
N VAL B 61 -9.99 14.08 -10.19
CA VAL B 61 -11.34 14.23 -10.76
C VAL B 61 -12.23 15.03 -9.81
N LYS B 62 -12.08 14.80 -8.50
CA LYS B 62 -12.90 15.53 -7.53
C LYS B 62 -12.53 17.01 -7.52
N ARG B 63 -11.24 17.33 -7.69
CA ARG B 63 -10.84 18.73 -7.78
C ARG B 63 -11.48 19.41 -8.98
N LYS B 64 -11.49 18.74 -10.13
CA LYS B 64 -12.10 19.30 -11.33
C LYS B 64 -13.62 19.37 -11.19
N MET B 65 -14.22 18.42 -10.47
CA MET B 65 -15.67 18.47 -10.25
C MET B 65 -16.03 19.62 -9.33
N ASP B 66 -15.34 19.74 -8.19
CA ASP B 66 -15.60 20.85 -7.29
C ASP B 66 -15.18 22.18 -7.88
N GLY B 67 -14.15 22.18 -8.73
CA GLY B 67 -13.74 23.36 -9.45
C GLY B 67 -14.59 23.75 -10.62
N ARG B 68 -15.70 23.04 -10.84
CA ARG B 68 -16.63 23.33 -11.94
C ARG B 68 -15.93 23.33 -13.30
N GLU B 69 -14.92 22.48 -13.44
CA GLU B 69 -14.13 22.44 -14.67
C GLU B 69 -14.65 21.46 -15.72
N TYR B 70 -15.63 20.62 -15.36
CA TYR B 70 -16.20 19.71 -16.33
C TYR B 70 -17.41 20.36 -16.99
N PRO B 71 -17.39 20.57 -18.31
CA PRO B 71 -18.53 21.22 -18.97
C PRO B 71 -19.75 20.31 -19.03
N ASP B 72 -19.55 19.07 -19.43
CA ASP B 72 -20.62 18.09 -19.56
C ASP B 72 -20.20 16.79 -18.88
N ALA B 73 -21.14 15.85 -18.80
CA ALA B 73 -20.84 14.54 -18.22
C ALA B 73 -19.81 13.78 -19.05
N GLN B 74 -19.73 14.08 -20.35
CA GLN B 74 -18.77 13.39 -21.21
C GLN B 74 -17.34 13.69 -20.80
N GLY B 75 -17.04 14.95 -20.51
CA GLY B 75 -15.71 15.30 -20.04
C GLY B 75 -15.35 14.62 -18.74
N PHE B 76 -16.35 14.37 -17.89
CA PHE B 76 -16.13 13.64 -16.65
C PHE B 76 -15.82 12.17 -16.92
N ALA B 77 -16.63 11.53 -17.78
CA ALA B 77 -16.38 10.13 -18.11
C ALA B 77 -15.07 9.95 -18.87
N ALA B 78 -14.65 10.97 -19.63
CA ALA B 78 -13.39 10.86 -20.37
C ALA B 78 -12.21 10.73 -19.43
N ASP B 79 -12.18 11.53 -18.35
CA ASP B 79 -11.07 11.48 -17.42
C ASP B 79 -11.10 10.22 -16.57
N VAL B 80 -12.30 9.74 -16.23
CA VAL B 80 -12.41 8.50 -15.46
C VAL B 80 -11.93 7.31 -16.30
N ARG B 81 -12.29 7.30 -17.58
CA ARG B 81 -11.80 6.23 -18.46
C ARG B 81 -10.33 6.41 -18.79
N LEU B 82 -9.86 7.66 -18.87
CA LEU B 82 -8.42 7.89 -19.02
C LEU B 82 -7.66 7.31 -17.84
N MET B 83 -8.20 7.45 -16.63
CA MET B 83 -7.56 6.87 -15.46
C MET B 83 -7.41 5.36 -15.59
N PHE B 84 -8.49 4.68 -16.00
CA PHE B 84 -8.42 3.24 -16.21
C PHE B 84 -7.53 2.90 -17.40
N SER B 85 -7.55 3.71 -18.44
CA SER B 85 -6.70 3.47 -19.61
C SER B 85 -5.23 3.60 -19.23
N ASN B 86 -4.90 4.54 -18.34
CA ASN B 86 -3.52 4.66 -17.87
C ASN B 86 -3.08 3.39 -17.14
N CYS B 87 -3.97 2.82 -16.32
CA CYS B 87 -3.63 1.60 -15.60
C CYS B 87 -3.43 0.43 -16.54
N TYR B 88 -4.27 0.31 -17.56
CA TYR B 88 -4.15 -0.81 -18.48
C TYR B 88 -2.93 -0.69 -19.38
N LYS B 89 -2.51 0.54 -19.70
CA LYS B 89 -1.42 0.73 -20.66
C LYS B 89 -0.06 0.39 -20.07
N TYR B 90 0.14 0.61 -18.77
CA TYR B 90 1.46 0.44 -18.18
C TYR B 90 1.65 -0.93 -17.55
N ASN B 91 0.70 -1.38 -16.75
CA ASN B 91 0.87 -2.64 -16.04
C ASN B 91 0.59 -3.82 -16.95
N PRO B 92 1.21 -4.97 -16.69
CA PRO B 92 0.93 -6.17 -17.48
C PRO B 92 -0.51 -6.63 -17.27
N PRO B 93 -1.08 -7.35 -18.25
CA PRO B 93 -2.49 -7.75 -18.12
C PRO B 93 -2.76 -8.68 -16.94
N ASP B 94 -1.78 -9.46 -16.52
CA ASP B 94 -1.97 -10.41 -15.42
C ASP B 94 -1.74 -9.77 -14.06
N HIS B 95 -1.45 -8.46 -14.02
CA HIS B 95 -1.25 -7.77 -12.76
C HIS B 95 -2.59 -7.62 -12.02
N GLU B 96 -2.51 -7.63 -10.68
CA GLU B 96 -3.72 -7.50 -9.87
C GLU B 96 -4.35 -6.12 -9.99
N VAL B 97 -3.56 -5.10 -10.36
CA VAL B 97 -4.12 -3.77 -10.55
C VAL B 97 -5.14 -3.77 -11.69
N VAL B 98 -4.91 -4.60 -12.71
CA VAL B 98 -5.88 -4.71 -13.80
C VAL B 98 -7.18 -5.32 -13.31
N ALA B 99 -7.10 -6.35 -12.47
CA ALA B 99 -8.31 -6.94 -11.91
C ALA B 99 -9.04 -5.95 -11.00
N MET B 100 -8.31 -5.10 -10.29
CA MET B 100 -8.96 -4.09 -9.46
C MET B 100 -9.53 -2.95 -10.30
N ALA B 101 -8.82 -2.56 -11.35
CA ALA B 101 -9.34 -1.53 -12.24
C ALA B 101 -10.62 -1.99 -12.94
N ARG B 102 -10.64 -3.24 -13.41
CA ARG B 102 -11.84 -3.76 -14.06
C ARG B 102 -13.03 -3.76 -13.11
N LYS B 103 -12.83 -4.27 -11.90
CA LYS B 103 -13.95 -4.35 -10.96
C LYS B 103 -14.43 -2.96 -10.53
N LEU B 104 -13.52 -1.96 -10.53
CA LEU B 104 -13.96 -0.60 -10.26
C LEU B 104 -14.60 0.04 -11.48
N GLN B 105 -14.01 -0.20 -12.66
CA GLN B 105 -14.63 0.31 -13.89
C GLN B 105 -15.96 -0.36 -14.14
N ASP B 106 -16.07 -1.66 -13.80
CA ASP B 106 -17.33 -2.36 -13.91
C ASP B 106 -18.41 -1.69 -13.07
N VAL B 107 -18.03 -1.13 -11.92
CA VAL B 107 -18.97 -0.37 -11.11
C VAL B 107 -19.32 0.95 -11.78
N PHE B 108 -18.32 1.65 -12.32
CA PHE B 108 -18.56 2.95 -12.93
C PHE B 108 -19.47 2.83 -14.15
N GLU B 109 -19.12 1.94 -15.09
CA GLU B 109 -19.91 1.80 -16.31
C GLU B 109 -21.35 1.41 -16.00
N MET B 110 -21.57 0.66 -14.93
CA MET B 110 -22.92 0.26 -14.55
C MET B 110 -23.73 1.46 -14.08
N ARG B 111 -23.15 2.27 -13.19
CA ARG B 111 -23.82 3.47 -12.72
C ARG B 111 -23.99 4.48 -13.86
N PHE B 112 -22.98 4.62 -14.70
CA PHE B 112 -22.99 5.68 -15.71
C PHE B 112 -23.98 5.39 -16.83
N ALA B 113 -24.16 4.11 -17.19
CA ALA B 113 -25.08 3.76 -18.27
C ALA B 113 -26.52 4.06 -17.92
N LYS B 114 -26.84 4.27 -16.65
CA LYS B 114 -28.20 4.48 -16.19
C LYS B 114 -28.38 5.96 -15.81
N MET B 115 -28.33 6.81 -16.82
CA MET B 115 -28.45 8.25 -16.64
C MET B 115 -29.34 8.83 -17.75
N PRO B 116 -30.21 9.79 -17.42
CA PRO B 116 -31.10 10.44 -18.39
C PRO B 116 -30.35 11.28 -19.41
C ACE C 1 6.21 -1.07 -5.11
O ACE C 1 5.60 -2.07 -5.47
CH3 ACE C 1 7.46 -0.60 -5.81
N TRP C 2 5.81 -0.33 -4.08
CA TRP C 2 4.62 -0.69 -3.33
C TRP C 2 3.67 0.49 -3.10
OH ALY C 3 -1.69 1.68 -10.51
CH ALY C 3 -1.81 2.50 -9.57
CH3 ALY C 3 -2.86 3.59 -9.64
NZ ALY C 3 -1.01 2.43 -8.44
CE ALY C 3 -1.08 3.34 -7.34
CD ALY C 3 -1.14 2.65 -5.96
CG ALY C 3 0.27 2.37 -5.43
CB ALY C 3 0.21 1.31 -4.36
CA ALY C 3 1.41 1.32 -3.40
N ALY C 3 2.51 0.44 -3.76
C ALY C 3 0.98 0.83 -2.03
O ALY C 3 0.88 -0.36 -1.75
N GLN C 4 0.72 1.78 -1.13
CA GLN C 4 0.47 1.43 0.26
C GLN C 4 -0.95 1.76 0.73
N TRP C 5 -1.12 2.99 1.25
CA TRP C 5 -2.37 3.44 1.85
C TRP C 5 -2.67 2.66 3.12
N LYS C 6 -3.90 2.76 3.63
CA LYS C 6 -4.32 2.16 4.89
C LYS C 6 -4.15 0.63 4.94
OH ALY C 7 0.95 -2.55 11.39
CH ALY C 7 1.59 -2.28 10.36
CH3 ALY C 7 3.07 -2.58 10.24
NZ ALY C 7 1.00 -1.66 9.28
CE ALY C 7 -0.40 -1.31 9.24
CD ALY C 7 -1.13 -1.74 7.96
CG ALY C 7 -2.59 -1.38 8.07
CB ALY C 7 -3.35 -1.77 6.81
CA ALY C 7 -2.67 -1.22 5.54
N ALY C 7 -2.95 0.19 5.30
C ALY C 7 -3.06 -2.15 4.40
O ALY C 7 -3.35 -3.34 4.54
N TYR C 8 -3.06 -1.56 3.20
CA TYR C 8 -3.20 -2.34 1.98
C TYR C 8 -1.87 -2.25 1.24
N GLY C 9 -1.66 -3.11 0.25
CA GLY C 9 -0.39 -3.16 -0.43
C GLY C 9 -0.50 -3.75 -1.82
N LEU C 10 0.51 -3.47 -2.63
CA LEU C 10 0.42 -3.72 -4.06
C LEU C 10 1.76 -3.56 -4.74
N LYS C 11 2.33 -4.65 -5.24
CA LYS C 11 3.66 -4.63 -5.85
C LYS C 11 3.54 -4.17 -7.29
N ILE C 12 3.88 -2.91 -7.55
CA ILE C 12 3.87 -2.41 -8.92
C ILE C 12 5.17 -2.72 -9.61
N CYS C 13 6.29 -2.63 -8.89
CA CYS C 13 7.61 -2.85 -9.46
C CYS C 13 8.08 -4.28 -9.22
N NH2 C 14 8.91 -4.92 -10.20
#